data_8COK
#
_entry.id   8COK
#
_cell.length_a   149.394
_cell.length_b   149.394
_cell.length_c   149.394
_cell.angle_alpha   90.000
_cell.angle_beta   90.000
_cell.angle_gamma   90.000
#
_symmetry.space_group_name_H-M   'I 4 3 2'
#
loop_
_entity.id
_entity.type
_entity.pdbx_description
1 polymer 'Inhibitor of growth protein 3'
2 water water
#
_entity_poly.entity_id   1
_entity_poly.type   'polypeptide(L)'
_entity_poly.pdbx_seq_one_letter_code
;GAMLYLEDYLEMIEQLPMDLRDRFTEMREMDLQVQNAMDQLEQRVSEFFMNAKKNKPEWREEQMASIKKDYYKALEDADE
KVQLANQIYDLVDRHLRKLDQELA
;
_entity_poly.pdbx_strand_id   A,B
#
# COMPACT_ATOMS: atom_id res chain seq x y z
N ALA A 2 10.87 -21.52 -17.53
CA ALA A 2 10.37 -20.16 -17.65
C ALA A 2 9.30 -19.83 -16.61
N MET A 3 8.03 -19.88 -17.04
CA MET A 3 6.91 -19.58 -16.16
C MET A 3 6.75 -20.60 -15.02
N LEU A 4 7.74 -21.47 -14.80
CA LEU A 4 7.75 -22.40 -13.66
C LEU A 4 7.45 -21.64 -12.38
N TYR A 5 7.85 -20.36 -12.35
CA TYR A 5 7.50 -19.48 -11.23
C TYR A 5 5.98 -19.43 -11.02
N LEU A 6 5.21 -19.58 -12.10
CA LEU A 6 3.77 -19.43 -12.03
C LEU A 6 3.05 -20.75 -11.76
N GLU A 7 3.54 -21.87 -12.28
CA GLU A 7 3.02 -23.15 -11.84
C GLU A 7 3.36 -23.39 -10.37
N ASP A 8 4.60 -23.05 -9.96
CA ASP A 8 4.96 -23.15 -8.55
C ASP A 8 4.05 -22.29 -7.69
N TYR A 9 3.74 -21.07 -8.14
CA TYR A 9 2.80 -20.23 -7.39
C TYR A 9 1.40 -20.85 -7.38
N LEU A 10 1.04 -21.55 -8.45
CA LEU A 10 -0.22 -22.29 -8.47
C LEU A 10 -0.28 -23.29 -7.32
N GLU A 11 0.67 -24.24 -7.32
CA GLU A 11 0.73 -25.22 -6.25
C GLU A 11 0.80 -24.54 -4.88
N MET A 12 1.55 -23.45 -4.80
CA MET A 12 1.64 -22.57 -3.64
C MET A 12 0.26 -22.24 -3.09
N ILE A 13 -0.53 -21.53 -3.91
CA ILE A 13 -1.83 -21.04 -3.50
C ILE A 13 -2.72 -22.20 -3.08
N GLU A 14 -2.80 -23.23 -3.93
CA GLU A 14 -3.70 -24.35 -3.68
C GLU A 14 -3.43 -25.07 -2.36
N GLN A 15 -2.33 -24.77 -1.67
CA GLN A 15 -2.13 -25.32 -0.34
C GLN A 15 -2.86 -24.52 0.73
N LEU A 16 -3.38 -23.35 0.39
CA LEU A 16 -4.02 -22.51 1.40
C LEU A 16 -5.48 -22.91 1.56
N PRO A 17 -6.05 -22.83 2.78
CA PRO A 17 -7.50 -22.97 2.94
C PRO A 17 -8.23 -21.78 2.34
N MET A 18 -9.55 -21.95 2.18
CA MET A 18 -10.36 -20.99 1.43
C MET A 18 -10.27 -19.61 2.05
N ASP A 19 -10.66 -19.49 3.32
CA ASP A 19 -10.53 -18.24 4.07
C ASP A 19 -9.26 -17.48 3.69
N LEU A 20 -8.10 -18.12 3.87
CA LEU A 20 -6.82 -17.48 3.66
C LEU A 20 -6.68 -16.98 2.21
N ARG A 21 -7.03 -17.85 1.25
CA ARG A 21 -6.94 -17.48 -0.17
C ARG A 21 -7.71 -16.20 -0.44
N ASP A 22 -8.98 -16.13 -0.01
CA ASP A 22 -9.79 -14.95 -0.28
C ASP A 22 -9.25 -13.70 0.40
N ARG A 23 -8.73 -13.83 1.63
CA ARG A 23 -8.22 -12.61 2.26
C ARG A 23 -7.04 -12.09 1.47
N PHE A 24 -6.19 -13.00 0.96
CA PHE A 24 -5.02 -12.54 0.19
C PHE A 24 -5.45 -11.88 -1.13
N THR A 25 -6.47 -12.43 -1.79
CA THR A 25 -6.89 -11.82 -3.05
C THR A 25 -7.63 -10.50 -2.83
N GLU A 26 -8.43 -10.42 -1.76
CA GLU A 26 -8.95 -9.13 -1.30
C GLU A 26 -7.82 -8.14 -1.09
N MET A 27 -6.74 -8.59 -0.45
CA MET A 27 -5.61 -7.71 -0.25
C MET A 27 -5.09 -7.15 -1.56
N ARG A 28 -4.94 -8.02 -2.55
CA ARG A 28 -4.36 -7.55 -3.81
C ARG A 28 -5.26 -6.47 -4.42
N GLU A 29 -6.57 -6.74 -4.44
CA GLU A 29 -7.53 -5.71 -4.85
C GLU A 29 -7.29 -4.39 -4.12
N MET A 30 -7.08 -4.47 -2.82
CA MET A 30 -6.94 -3.23 -2.07
C MET A 30 -5.65 -2.52 -2.47
N ASP A 31 -4.58 -3.27 -2.74
CA ASP A 31 -3.34 -2.63 -3.20
C ASP A 31 -3.60 -1.78 -4.41
N LEU A 32 -4.24 -2.38 -5.41
CA LEU A 32 -4.55 -1.63 -6.62
C LEU A 32 -5.28 -0.33 -6.27
N GLN A 33 -6.31 -0.45 -5.44
CA GLN A 33 -7.05 0.75 -5.05
C GLN A 33 -6.16 1.79 -4.37
N VAL A 34 -5.22 1.34 -3.53
CA VAL A 34 -4.25 2.23 -2.89
C VAL A 34 -3.44 2.98 -3.94
N GLN A 35 -2.96 2.25 -4.94
CA GLN A 35 -2.12 2.88 -5.94
C GLN A 35 -2.90 3.96 -6.66
N ASN A 36 -4.17 3.68 -6.93
CA ASN A 36 -5.01 4.70 -7.55
C ASN A 36 -5.24 5.89 -6.63
N ALA A 37 -5.51 5.65 -5.35
CA ALA A 37 -5.75 6.80 -4.48
C ALA A 37 -4.53 7.68 -4.39
N MET A 38 -3.35 7.08 -4.20
CA MET A 38 -2.10 7.85 -4.21
C MET A 38 -2.00 8.65 -5.51
N ASP A 39 -2.25 8.00 -6.61
CA ASP A 39 -2.14 8.66 -7.89
C ASP A 39 -3.01 9.89 -7.94
N GLN A 40 -4.32 9.67 -7.87
CA GLN A 40 -5.30 10.73 -7.91
C GLN A 40 -4.92 11.89 -6.98
N LEU A 41 -4.42 11.56 -5.78
CA LEU A 41 -4.08 12.60 -4.82
C LEU A 41 -2.95 13.47 -5.35
N GLU A 42 -1.84 12.84 -5.75
CA GLU A 42 -0.75 13.56 -6.43
C GLU A 42 -1.27 14.51 -7.50
N GLN A 43 -2.15 14.01 -8.36
CA GLN A 43 -2.60 14.84 -9.48
C GLN A 43 -3.32 16.08 -8.96
N ARG A 44 -4.23 15.91 -7.99
CA ARG A 44 -4.92 17.10 -7.48
C ARG A 44 -3.91 18.05 -6.84
N VAL A 45 -2.90 17.51 -6.17
CA VAL A 45 -1.92 18.35 -5.51
C VAL A 45 -1.20 19.23 -6.52
N SER A 46 -0.64 18.59 -7.56
CA SER A 46 0.15 19.33 -8.55
C SER A 46 -0.72 20.32 -9.28
N GLU A 47 -1.89 19.87 -9.76
CA GLU A 47 -2.81 20.76 -10.46
C GLU A 47 -3.17 21.95 -9.59
N PHE A 48 -3.37 21.71 -8.32
CA PHE A 48 -3.75 22.81 -7.46
C PHE A 48 -2.61 23.81 -7.35
N PHE A 49 -1.37 23.33 -7.16
CA PHE A 49 -0.19 24.20 -7.24
C PHE A 49 -0.14 24.98 -8.56
N MET A 50 -0.20 24.26 -9.67
CA MET A 50 -0.10 24.85 -11.00
C MET A 50 -1.07 26.01 -11.13
N ASN A 51 -2.35 25.75 -10.89
CA ASN A 51 -3.37 26.75 -11.10
C ASN A 51 -3.73 27.49 -9.82
N ALA A 52 -2.85 27.48 -8.83
CA ALA A 52 -3.19 28.07 -7.54
C ALA A 52 -3.41 29.57 -7.63
N LYS A 53 -2.40 30.30 -8.12
CA LYS A 53 -2.47 31.75 -8.10
C LYS A 53 -3.50 32.28 -9.09
N LYS A 54 -3.67 31.60 -10.22
CA LYS A 54 -4.53 32.11 -11.28
C LYS A 54 -5.99 32.20 -10.83
N ASN A 55 -6.49 31.19 -10.13
CA ASN A 55 -7.91 31.06 -9.85
C ASN A 55 -8.29 31.80 -8.56
N LYS A 56 -9.59 31.79 -8.30
CA LYS A 56 -10.20 32.57 -7.24
C LYS A 56 -10.16 31.80 -5.91
N PRO A 57 -10.21 32.54 -4.78
CA PRO A 57 -10.25 31.89 -3.45
C PRO A 57 -11.14 30.66 -3.37
N GLU A 58 -12.35 30.78 -3.90
CA GLU A 58 -13.27 29.65 -3.94
C GLU A 58 -12.65 28.43 -4.60
N TRP A 59 -12.03 28.62 -5.77
CA TRP A 59 -11.40 27.49 -6.46
C TRP A 59 -10.32 26.87 -5.59
N ARG A 60 -9.54 27.69 -4.88
CA ARG A 60 -8.55 27.13 -3.98
C ARG A 60 -9.20 26.26 -2.92
N GLU A 61 -10.28 26.76 -2.30
CA GLU A 61 -10.95 25.99 -1.24
C GLU A 61 -11.55 24.70 -1.79
N GLU A 62 -12.05 24.72 -3.02
CA GLU A 62 -12.66 23.54 -3.62
C GLU A 62 -11.61 22.47 -3.90
N GLN A 63 -10.54 22.88 -4.60
CA GLN A 63 -9.44 21.96 -4.86
C GLN A 63 -8.92 21.39 -3.55
N MET A 64 -8.85 22.22 -2.51
CA MET A 64 -8.34 21.74 -1.24
C MET A 64 -9.28 20.72 -0.61
N ALA A 65 -10.58 20.95 -0.66
CA ALA A 65 -11.50 19.96 -0.15
C ALA A 65 -11.36 18.64 -0.92
N SER A 66 -11.25 18.71 -2.24
CA SER A 66 -11.10 17.49 -3.02
C SER A 66 -9.80 16.78 -2.67
N ILE A 67 -8.74 17.56 -2.45
CA ILE A 67 -7.45 17.02 -2.07
C ILE A 67 -7.56 16.29 -0.73
N LYS A 68 -8.18 16.96 0.24
CA LYS A 68 -8.42 16.38 1.56
C LYS A 68 -9.20 15.08 1.44
N LYS A 69 -10.26 15.10 0.62
CA LYS A 69 -10.97 13.88 0.30
C LYS A 69 -9.98 12.80 -0.09
N ASP A 70 -9.40 12.95 -1.28
CA ASP A 70 -8.43 11.97 -1.79
C ASP A 70 -7.47 11.50 -0.71
N TYR A 71 -6.97 12.44 0.11
CA TYR A 71 -6.07 12.05 1.18
C TYR A 71 -6.73 11.05 2.12
N TYR A 72 -7.84 11.44 2.72
CA TYR A 72 -8.48 10.56 3.70
C TYR A 72 -8.92 9.28 3.06
N LYS A 73 -9.50 9.37 1.87
CA LYS A 73 -9.77 8.25 0.97
C LYS A 73 -8.61 7.26 1.06
N ALA A 74 -7.48 7.70 0.50
CA ALA A 74 -6.25 6.91 0.51
C ALA A 74 -6.02 6.29 1.89
N LEU A 75 -6.09 7.14 2.90
CA LEU A 75 -5.68 6.71 4.22
C LEU A 75 -6.55 5.55 4.67
N GLU A 76 -7.85 5.66 4.39
CA GLU A 76 -8.79 4.58 4.70
C GLU A 76 -8.38 3.29 4.01
N ASP A 77 -8.11 3.35 2.70
CA ASP A 77 -7.70 2.12 1.99
C ASP A 77 -6.49 1.46 2.64
N ALA A 78 -5.49 2.26 3.01
CA ALA A 78 -4.33 1.67 3.65
C ALA A 78 -4.75 0.94 4.91
N ASP A 79 -5.66 1.53 5.68
CA ASP A 79 -6.13 0.84 6.86
C ASP A 79 -6.81 -0.49 6.52
N GLU A 80 -7.64 -0.51 5.48
CA GLU A 80 -8.32 -1.77 5.15
C GLU A 80 -7.30 -2.83 4.74
N LYS A 81 -6.26 -2.44 4.02
CA LYS A 81 -5.25 -3.42 3.66
C LYS A 81 -4.60 -3.97 4.92
N VAL A 82 -4.28 -3.06 5.85
CA VAL A 82 -3.74 -3.43 7.17
C VAL A 82 -4.64 -4.46 7.82
N GLN A 83 -5.88 -4.07 8.09
CA GLN A 83 -6.94 -4.89 8.64
C GLN A 83 -6.98 -6.28 8.01
N LEU A 84 -6.88 -6.36 6.66
CA LEU A 84 -6.86 -7.66 5.98
C LEU A 84 -5.66 -8.48 6.42
N ALA A 85 -4.48 -7.85 6.49
CA ALA A 85 -3.29 -8.55 6.96
C ALA A 85 -3.50 -9.13 8.35
N ASN A 86 -4.10 -8.35 9.25
CA ASN A 86 -4.35 -8.91 10.58
C ASN A 86 -5.28 -10.11 10.51
N GLN A 87 -6.34 -10.04 9.68
CA GLN A 87 -7.22 -11.20 9.55
C GLN A 87 -6.45 -12.43 9.10
N ILE A 88 -5.57 -12.25 8.10
CA ILE A 88 -4.79 -13.38 7.62
C ILE A 88 -3.96 -13.98 8.75
N TYR A 89 -3.29 -13.12 9.54
CA TYR A 89 -2.40 -13.70 10.55
C TYR A 89 -3.20 -14.48 11.59
N ASP A 90 -4.39 -13.97 11.95
CA ASP A 90 -5.26 -14.71 12.86
C ASP A 90 -5.62 -16.08 12.29
N LEU A 91 -6.08 -16.11 11.05
CA LEU A 91 -6.46 -17.38 10.43
C LEU A 91 -5.29 -18.35 10.44
N VAL A 92 -4.07 -17.84 10.28
CA VAL A 92 -2.89 -18.70 10.26
C VAL A 92 -2.65 -19.31 11.64
N ASP A 93 -2.59 -18.49 12.70
CA ASP A 93 -2.25 -19.15 13.96
C ASP A 93 -3.42 -19.95 14.51
N ARG A 94 -4.66 -19.70 14.04
CA ARG A 94 -5.74 -20.62 14.36
C ARG A 94 -5.54 -21.98 13.67
N HIS A 95 -5.19 -21.99 12.37
CA HIS A 95 -4.90 -23.25 11.68
C HIS A 95 -3.70 -23.97 12.29
N LEU A 96 -2.85 -23.27 13.04
CA LEU A 96 -1.83 -23.97 13.85
C LEU A 96 -2.42 -24.54 15.13
N ARG A 97 -3.23 -23.75 15.86
CA ARG A 97 -3.77 -24.20 17.15
C ARG A 97 -4.68 -25.43 16.97
N LYS A 98 -5.24 -25.61 15.77
CA LYS A 98 -5.98 -26.83 15.46
C LYS A 98 -5.07 -28.07 15.53
N LEU A 99 -3.80 -27.91 15.23
CA LEU A 99 -2.89 -29.05 15.15
C LEU A 99 -1.96 -29.13 16.36
N ALA B 2 -3.41 8.50 -24.64
CA ALA B 2 -2.30 7.55 -24.73
C ALA B 2 -0.98 8.26 -24.50
N MET B 3 -0.15 8.36 -25.55
CA MET B 3 1.11 9.07 -25.37
C MET B 3 0.86 10.52 -24.92
N LEU B 4 -0.25 11.14 -25.37
CA LEU B 4 -0.51 12.52 -24.99
C LEU B 4 -0.93 12.63 -23.53
N TYR B 5 -1.58 11.59 -23.01
CA TYR B 5 -1.99 11.63 -21.61
C TYR B 5 -0.79 11.51 -20.70
N LEU B 6 0.25 10.80 -21.14
CA LEU B 6 1.45 10.70 -20.34
C LEU B 6 2.19 12.03 -20.33
N GLU B 7 2.25 12.69 -21.47
CA GLU B 7 2.84 14.02 -21.50
C GLU B 7 2.17 14.94 -20.49
N ASP B 8 0.83 14.98 -20.50
CA ASP B 8 0.11 15.73 -19.48
C ASP B 8 0.43 15.21 -18.08
N TYR B 9 0.46 13.88 -17.91
CA TYR B 9 0.82 13.37 -16.60
C TYR B 9 2.23 13.82 -16.21
N LEU B 10 3.17 13.60 -17.13
CA LEU B 10 4.52 14.14 -16.96
C LEU B 10 4.47 15.62 -16.60
N GLU B 11 3.82 16.42 -17.45
CA GLU B 11 3.62 17.85 -17.23
C GLU B 11 3.27 18.12 -15.77
N MET B 12 2.06 17.72 -15.37
CA MET B 12 1.60 17.75 -13.98
C MET B 12 2.68 17.50 -12.91
N ILE B 13 3.42 16.40 -13.01
CA ILE B 13 4.40 16.06 -11.97
C ILE B 13 5.46 17.15 -11.84
N GLU B 14 5.94 17.68 -12.97
CA GLU B 14 7.04 18.63 -12.94
C GLU B 14 6.69 19.90 -12.18
N GLN B 15 5.43 20.33 -12.21
CA GLN B 15 4.99 21.51 -11.48
C GLN B 15 4.71 21.23 -10.02
N LEU B 16 5.46 20.31 -9.44
CA LEU B 16 5.22 19.92 -8.09
C LEU B 16 6.59 19.94 -7.39
N PRO B 17 6.70 20.67 -6.28
CA PRO B 17 8.02 20.90 -5.68
C PRO B 17 8.66 19.57 -5.38
N MET B 18 10.00 19.51 -5.47
CA MET B 18 10.66 18.23 -5.21
C MET B 18 10.29 17.71 -3.82
N ASP B 19 9.99 18.62 -2.88
CA ASP B 19 9.43 18.28 -1.58
C ASP B 19 8.44 17.15 -1.71
N LEU B 20 7.30 17.45 -2.33
CA LEU B 20 6.19 16.51 -2.39
C LEU B 20 6.50 15.29 -3.28
N ARG B 21 6.97 15.53 -4.51
CA ARG B 21 7.20 14.43 -5.44
C ARG B 21 8.07 13.35 -4.81
N ASP B 22 9.12 13.76 -4.09
CA ASP B 22 9.99 12.76 -3.47
C ASP B 22 9.23 11.93 -2.44
N ARG B 23 8.36 12.55 -1.63
CA ARG B 23 7.63 11.77 -0.62
C ARG B 23 6.59 10.86 -1.27
N PHE B 24 6.02 11.27 -2.40
CA PHE B 24 5.12 10.38 -3.12
C PHE B 24 5.86 9.16 -3.63
N THR B 25 6.92 9.35 -4.41
CA THR B 25 7.63 8.15 -4.83
C THR B 25 8.12 7.38 -3.62
N GLU B 26 8.40 8.06 -2.51
CA GLU B 26 8.90 7.37 -1.32
C GLU B 26 7.83 6.44 -0.76
N MET B 27 6.60 6.96 -0.69
CA MET B 27 5.42 6.15 -0.38
C MET B 27 5.22 5.01 -1.38
N ARG B 28 5.41 5.31 -2.67
CA ARG B 28 5.37 4.30 -3.74
C ARG B 28 6.25 3.12 -3.37
N GLU B 29 7.53 3.39 -3.17
CA GLU B 29 8.53 2.41 -2.78
C GLU B 29 8.09 1.64 -1.56
N MET B 30 7.54 2.35 -0.57
CA MET B 30 7.11 1.71 0.65
C MET B 30 5.98 0.72 0.38
N ASP B 31 5.03 1.10 -0.48
CA ASP B 31 3.94 0.21 -0.81
C ASP B 31 4.47 -1.02 -1.53
N LEU B 32 5.37 -0.82 -2.49
CA LEU B 32 6.07 -1.95 -3.11
C LEU B 32 6.66 -2.89 -2.06
N GLN B 33 7.35 -2.32 -1.07
CA GLN B 33 7.92 -3.12 0.00
C GLN B 33 6.85 -3.95 0.71
N VAL B 34 5.70 -3.33 0.99
CA VAL B 34 4.62 -4.03 1.70
C VAL B 34 4.13 -5.22 0.90
N GLN B 35 3.82 -4.98 -0.39
CA GLN B 35 3.40 -6.05 -1.28
C GLN B 35 4.39 -7.20 -1.26
N ASN B 36 5.69 -6.89 -1.32
CA ASN B 36 6.71 -7.93 -1.32
C ASN B 36 6.72 -8.71 0.00
N ALA B 37 6.62 -8.00 1.12
CA ALA B 37 6.58 -8.67 2.42
C ALA B 37 5.42 -9.65 2.49
N MET B 38 4.25 -9.21 2.01
CA MET B 38 3.07 -10.06 2.00
C MET B 38 3.27 -11.28 1.10
N ASP B 39 3.96 -11.11 -0.02
CA ASP B 39 4.27 -12.26 -0.87
C ASP B 39 5.08 -13.31 -0.13
N GLN B 40 6.19 -12.90 0.48
CA GLN B 40 7.00 -13.89 1.17
C GLN B 40 6.25 -14.53 2.32
N LEU B 41 5.34 -13.77 2.94
CA LEU B 41 4.50 -14.33 3.99
C LEU B 41 3.57 -15.41 3.45
N GLU B 42 2.83 -15.08 2.38
CA GLU B 42 1.96 -16.05 1.72
C GLU B 42 2.72 -17.34 1.42
N GLN B 43 3.98 -17.21 0.94
CA GLN B 43 4.75 -18.41 0.60
C GLN B 43 5.11 -19.21 1.86
N ARG B 44 5.66 -18.54 2.86
CA ARG B 44 5.87 -19.18 4.15
C ARG B 44 4.63 -19.94 4.61
N VAL B 45 3.45 -19.33 4.42
CA VAL B 45 2.20 -19.90 4.93
C VAL B 45 1.82 -21.18 4.18
N SER B 46 1.85 -21.14 2.84
CA SER B 46 1.48 -22.36 2.15
C SER B 46 2.51 -23.45 2.34
N GLU B 47 3.76 -23.10 2.65
CA GLU B 47 4.73 -24.13 3.00
C GLU B 47 4.42 -24.75 4.35
N PHE B 48 4.05 -23.91 5.31
CA PHE B 48 3.50 -24.41 6.56
C PHE B 48 2.44 -25.47 6.28
N PHE B 49 1.47 -25.14 5.42
CA PHE B 49 0.39 -26.09 5.18
C PHE B 49 0.86 -27.30 4.38
N MET B 50 1.86 -27.10 3.52
CA MET B 50 2.37 -28.15 2.66
C MET B 50 3.14 -29.20 3.45
N ASN B 51 4.36 -28.83 3.87
CA ASN B 51 5.24 -29.74 4.60
C ASN B 51 4.61 -30.22 5.90
N ALA B 52 4.30 -29.27 6.79
CA ALA B 52 3.48 -29.54 7.96
C ALA B 52 4.05 -30.65 8.82
N LYS B 53 3.41 -31.81 8.78
CA LYS B 53 3.90 -32.99 9.51
C LYS B 53 5.29 -33.39 9.01
N LYS B 54 5.54 -33.26 7.72
CA LYS B 54 6.85 -33.59 7.16
C LYS B 54 7.92 -32.64 7.71
N ASN B 55 9.16 -33.13 7.73
CA ASN B 55 10.30 -32.40 8.28
C ASN B 55 10.13 -32.17 9.78
N LYS B 56 9.33 -33.03 10.42
CA LYS B 56 8.94 -33.03 11.83
C LYS B 56 7.87 -31.97 12.10
N PRO B 57 7.27 -31.98 13.30
CA PRO B 57 6.45 -30.83 13.73
C PRO B 57 7.23 -29.70 14.39
N GLU B 58 8.52 -29.88 14.72
CA GLU B 58 9.30 -28.74 15.19
C GLU B 58 9.61 -27.76 14.07
N TRP B 59 9.35 -28.14 12.82
CA TRP B 59 9.49 -27.23 11.71
C TRP B 59 8.59 -26.01 11.89
N ARG B 60 7.49 -26.16 12.62
CA ARG B 60 6.61 -25.03 12.92
C ARG B 60 7.34 -23.91 13.63
N GLU B 61 8.32 -24.25 14.47
CA GLU B 61 9.08 -23.22 15.19
C GLU B 61 9.71 -22.26 14.18
N GLU B 62 10.67 -22.77 13.40
CA GLU B 62 11.34 -21.91 12.43
C GLU B 62 10.34 -21.26 11.50
N GLN B 63 9.42 -22.05 10.96
CA GLN B 63 8.41 -21.51 10.07
C GLN B 63 7.61 -20.41 10.75
N MET B 64 6.83 -20.75 11.77
CA MET B 64 5.96 -19.76 12.40
C MET B 64 6.73 -18.52 12.83
N ALA B 65 7.96 -18.69 13.31
CA ALA B 65 8.78 -17.52 13.62
C ALA B 65 8.98 -16.68 12.36
N SER B 66 9.27 -17.31 11.22
CA SER B 66 9.44 -16.56 9.98
C SER B 66 8.15 -15.88 9.54
N ILE B 67 7.02 -16.58 9.68
CA ILE B 67 5.73 -15.97 9.35
C ILE B 67 5.51 -14.71 10.18
N LYS B 68 5.68 -14.82 11.50
CA LYS B 68 5.52 -13.65 12.36
C LYS B 68 6.47 -12.54 11.95
N LYS B 69 7.72 -12.90 11.63
CA LYS B 69 8.69 -11.90 11.18
C LYS B 69 8.18 -11.16 9.96
N ASP B 70 7.81 -11.91 8.91
CA ASP B 70 7.31 -11.27 7.68
C ASP B 70 6.12 -10.35 7.97
N TYR B 71 5.15 -10.85 8.75
CA TYR B 71 3.94 -10.08 9.04
C TYR B 71 4.28 -8.76 9.73
N TYR B 72 5.10 -8.83 10.78
CA TYR B 72 5.57 -7.63 11.47
C TYR B 72 6.27 -6.69 10.50
N LYS B 73 7.05 -7.24 9.58
CA LYS B 73 7.79 -6.37 8.70
C LYS B 73 6.83 -5.55 7.88
N ALA B 74 5.87 -6.22 7.26
CA ALA B 74 4.87 -5.53 6.47
C ALA B 74 4.15 -4.49 7.31
N LEU B 75 3.76 -4.85 8.53
CA LEU B 75 3.06 -3.88 9.37
C LEU B 75 3.90 -2.63 9.58
N GLU B 76 5.20 -2.80 9.84
CA GLU B 76 6.09 -1.66 10.03
C GLU B 76 6.20 -0.83 8.77
N ASP B 77 6.29 -1.49 7.62
CA ASP B 77 6.34 -0.79 6.34
C ASP B 77 5.07 0.03 6.09
N ALA B 78 3.90 -0.51 6.49
CA ALA B 78 2.66 0.23 6.28
C ALA B 78 2.56 1.40 7.24
N ASP B 79 2.95 1.19 8.50
CA ASP B 79 3.05 2.31 9.42
C ASP B 79 3.96 3.39 8.86
N GLU B 80 4.99 3.00 8.11
CA GLU B 80 5.87 3.99 7.54
C GLU B 80 5.16 4.78 6.44
N LYS B 81 4.41 4.08 5.56
CA LYS B 81 3.63 4.83 4.57
C LYS B 81 2.68 5.79 5.26
N VAL B 82 2.12 5.34 6.38
CA VAL B 82 1.22 6.19 7.16
C VAL B 82 1.95 7.47 7.56
N GLN B 83 3.15 7.33 8.15
CA GLN B 83 3.96 8.50 8.50
C GLN B 83 4.19 9.40 7.28
N LEU B 84 4.50 8.79 6.13
CA LEU B 84 4.82 9.56 4.93
C LEU B 84 3.62 10.36 4.45
N ALA B 85 2.44 9.75 4.48
CA ALA B 85 1.25 10.49 4.11
C ALA B 85 1.03 11.65 5.06
N ASN B 86 1.27 11.43 6.37
CA ASN B 86 1.19 12.57 7.27
C ASN B 86 2.14 13.67 6.82
N GLN B 87 3.35 13.28 6.45
CA GLN B 87 4.33 14.26 6.04
C GLN B 87 3.83 15.06 4.85
N ILE B 88 3.36 14.34 3.84
CA ILE B 88 2.84 15.00 2.65
C ILE B 88 1.69 15.94 3.02
N TYR B 89 0.85 15.52 3.97
CA TYR B 89 -0.24 16.36 4.45
C TYR B 89 0.28 17.70 4.98
N ASP B 90 1.21 17.63 5.93
CA ASP B 90 1.70 18.88 6.50
C ASP B 90 2.45 19.71 5.47
N LEU B 91 3.06 19.05 4.48
CA LEU B 91 3.83 19.80 3.49
C LEU B 91 2.92 20.52 2.50
N VAL B 92 1.84 19.86 2.08
CA VAL B 92 0.73 20.58 1.49
C VAL B 92 0.47 21.82 2.31
N ASP B 93 -0.02 21.63 3.56
CA ASP B 93 -0.42 22.78 4.40
C ASP B 93 0.60 23.90 4.37
N ARG B 94 1.88 23.56 4.48
CA ARG B 94 2.92 24.58 4.55
C ARG B 94 3.03 25.37 3.24
N HIS B 95 3.16 24.66 2.09
CA HIS B 95 3.21 25.34 0.80
C HIS B 95 1.97 26.20 0.57
N LEU B 96 0.79 25.70 1.00
CA LEU B 96 -0.46 26.43 0.96
C LEU B 96 -0.32 27.76 1.66
N ARG B 97 -0.26 27.71 2.99
CA ARG B 97 -0.18 28.93 3.78
C ARG B 97 0.81 29.91 3.17
N LYS B 98 1.99 29.40 2.79
CA LYS B 98 2.98 30.23 2.11
C LYS B 98 2.32 31.00 0.98
N LEU B 99 1.71 30.31 0.03
CA LEU B 99 1.11 31.03 -1.09
C LEU B 99 -0.01 31.98 -0.63
N ASP B 100 -0.80 31.59 0.39
CA ASP B 100 -1.95 32.43 0.72
C ASP B 100 -1.53 33.79 1.23
N GLN B 101 -0.57 33.85 2.15
CA GLN B 101 -0.17 35.19 2.59
C GLN B 101 0.75 35.88 1.57
N GLU B 102 0.62 35.53 0.30
CA GLU B 102 1.47 36.06 -0.77
C GLU B 102 0.66 36.48 -2.00
#